data_6YTA
#
_entry.id   6YTA
#
_cell.length_a   91.378
_cell.length_b   64.560
_cell.length_c   72.519
_cell.angle_alpha   90.000
_cell.angle_beta   117.550
_cell.angle_gamma   90.000
#
_symmetry.space_group_name_H-M   'C 1 2 1'
#
loop_
_entity.id
_entity.type
_entity.pdbx_description
1 polymer 'Dual specificity protein kinase CLK1'
2 non-polymer 1,2-ETHANEDIOL
3 non-polymer 1-(3-{6-[(CYCLOPROPYLMETHYL)AMINO]IMIDAZO[1,2-B]PYRIDAZIN-3-YL}PHENYL)ETHANONE
4 water water
#
_entity_poly.entity_id   1
_entity_poly.type   'polypeptide(L)'
_entity_poly.pdbx_seq_one_letter_code
;SMHLICQSGDVLSARYEIVDTLGEGAFGKVVECIDHKAGGRHVAVKIVKNVDRYCEAARSEIQVLEHLNTTDPNSTFRCV
QMLEWFEHHGHICIVFELLGLSTYDFIKENGFLPFRLDHIRKMAYQICKSVNFLHSNKLTHTDLKPENILFVQSDYTEAY
NPKIKRDERTLINPDIKVVDFGSATYDDEHHSTLVSTRHYRAPEVILALGWSQPCDVWSIGCILIEYYLGFTVFPTHDSK
EHLAMMERILGPLPKHMIQKTRKRKYFHHDRLDWDEHSSAGRYVSRACKPLKEFMLSQDVEHERLFDLIQKMLEYDPAKR
ITLREALKHPFFDLLKKSI
;
_entity_poly.pdbx_strand_id   A
#
loop_
_chem_comp.id
_chem_comp.type
_chem_comp.name
_chem_comp.formula
EDO non-polymer 1,2-ETHANEDIOL 'C2 H6 O2'
IYZ non-polymer 1-(3-{6-[(CYCLOPROPYLMETHYL)AMINO]IMIDAZO[1,2-B]PYRIDAZIN-3-YL}PHENYL)ETHANONE 'C18 H18 N4 O'
#
# COMPACT_ATOMS: atom_id res chain seq x y z
N SER A 1 -27.90 2.79 -2.23
CA SER A 1 -27.64 2.33 -3.64
C SER A 1 -26.81 1.03 -3.62
N MET A 2 -25.51 1.13 -3.34
CA MET A 2 -24.64 -0.06 -3.08
C MET A 2 -25.19 -0.87 -1.89
N HIS A 3 -25.69 -0.19 -0.85
CA HIS A 3 -26.21 -0.78 0.40
C HIS A 3 -27.30 -1.82 0.06
N LEU A 4 -28.12 -1.50 -0.94
CA LEU A 4 -29.30 -2.29 -1.33
C LEU A 4 -28.90 -3.59 -2.02
N ILE A 5 -27.61 -3.82 -2.35
CA ILE A 5 -27.22 -4.99 -3.21
C ILE A 5 -26.08 -5.82 -2.62
N CYS A 6 -25.52 -5.52 -1.44
CA CYS A 6 -24.37 -6.30 -0.89
C CYS A 6 -24.73 -6.99 0.43
N GLN A 7 -25.99 -7.41 0.61
CA GLN A 7 -26.44 -7.96 1.90
C GLN A 7 -26.08 -9.45 1.95
N SER A 8 -25.75 -9.96 3.14
CA SER A 8 -25.67 -11.43 3.44
C SER A 8 -26.91 -12.12 2.86
N GLY A 9 -26.71 -13.24 2.17
CA GLY A 9 -27.75 -14.07 1.53
C GLY A 9 -28.06 -13.66 0.10
N ASP A 10 -27.67 -12.45 -0.32
CA ASP A 10 -27.83 -11.99 -1.73
C ASP A 10 -27.03 -12.90 -2.64
N VAL A 11 -27.60 -13.17 -3.80
CA VAL A 11 -27.00 -14.03 -4.84
C VAL A 11 -26.68 -13.16 -6.06
N LEU A 12 -25.41 -13.14 -6.45
CA LEU A 12 -24.91 -12.33 -7.58
C LEU A 12 -24.63 -13.24 -8.78
N SER A 13 -25.14 -12.87 -9.96
CA SER A 13 -24.81 -13.51 -11.26
C SER A 13 -25.22 -14.98 -11.16
N ALA A 14 -26.32 -15.22 -10.48
CA ALA A 14 -27.00 -16.51 -10.15
C ALA A 14 -26.01 -17.59 -9.67
N ARG A 15 -24.99 -17.24 -8.90
CA ARG A 15 -24.06 -18.30 -8.38
C ARG A 15 -23.36 -17.87 -7.09
N TYR A 16 -23.10 -16.58 -6.89
CA TYR A 16 -22.29 -16.03 -5.78
C TYR A 16 -23.18 -15.58 -4.63
N GLU A 17 -23.18 -16.32 -3.53
CA GLU A 17 -23.98 -16.01 -2.32
C GLU A 17 -23.10 -15.25 -1.34
N ILE A 18 -23.41 -13.99 -1.03
CA ILE A 18 -22.63 -13.17 -0.05
C ILE A 18 -22.78 -13.79 1.34
N VAL A 19 -21.65 -13.98 2.00
CA VAL A 19 -21.59 -14.58 3.34
C VAL A 19 -21.03 -13.54 4.31
N ASP A 20 -20.33 -12.50 3.86
CA ASP A 20 -19.67 -11.57 4.83
C ASP A 20 -19.07 -10.39 4.05
N THR A 21 -18.82 -9.28 4.74
CA THR A 21 -18.04 -8.14 4.19
C THR A 21 -16.59 -8.30 4.61
N LEU A 22 -15.65 -8.23 3.65
CA LEU A 22 -14.18 -8.26 3.84
C LEU A 22 -13.62 -6.85 4.02
N GLY A 23 -14.15 -5.88 3.28
CA GLY A 23 -13.71 -4.49 3.45
C GLY A 23 -14.44 -3.52 2.55
N GLU A 24 -14.10 -2.26 2.75
CA GLU A 24 -14.68 -1.07 2.09
C GLU A 24 -13.55 -0.11 1.75
N GLY A 25 -13.63 0.53 0.58
CA GLY A 25 -12.72 1.59 0.10
C GLY A 25 -13.55 2.74 -0.44
N ALA A 26 -12.92 3.68 -1.16
CA ALA A 26 -13.63 4.75 -1.91
C ALA A 26 -14.25 4.14 -3.19
N PHE A 27 -13.67 3.06 -3.69
CA PHE A 27 -14.16 2.35 -4.88
C PHE A 27 -15.50 1.66 -4.59
N GLY A 28 -15.77 1.34 -3.33
CA GLY A 28 -16.91 0.49 -2.99
C GLY A 28 -16.57 -0.55 -1.95
N LYS A 29 -16.82 -1.80 -2.28
CA LYS A 29 -16.98 -2.86 -1.26
C LYS A 29 -16.36 -4.19 -1.72
N VAL A 30 -15.77 -4.95 -0.81
CA VAL A 30 -15.31 -6.35 -1.08
C VAL A 30 -16.07 -7.28 -0.14
N VAL A 31 -16.70 -8.29 -0.69
CA VAL A 31 -17.60 -9.23 0.03
C VAL A 31 -17.13 -10.68 -0.18
N GLU A 32 -17.44 -11.54 0.79
CA GLU A 32 -17.03 -12.94 0.67
C GLU A 32 -18.23 -13.67 0.13
N CYS A 33 -18.05 -14.47 -0.92
CA CYS A 33 -19.14 -15.25 -1.52
C CYS A 33 -18.83 -16.76 -1.59
N ILE A 34 -19.85 -17.57 -1.36
CA ILE A 34 -19.82 -18.99 -1.82
C ILE A 34 -20.18 -19.00 -3.31
N ASP A 35 -19.31 -19.60 -4.13
CA ASP A 35 -19.52 -19.86 -5.57
C ASP A 35 -20.16 -21.25 -5.73
N HIS A 36 -21.49 -21.25 -5.87
CA HIS A 36 -22.31 -22.49 -5.99
C HIS A 36 -22.05 -23.17 -7.34
N LYS A 37 -21.29 -22.55 -8.26
CA LYS A 37 -21.01 -23.17 -9.58
C LYS A 37 -19.53 -23.59 -9.66
N ALA A 38 -18.76 -23.42 -8.57
CA ALA A 38 -17.39 -23.97 -8.43
C ALA A 38 -17.28 -24.82 -7.15
N GLY A 39 -18.24 -25.72 -6.90
CA GLY A 39 -18.25 -26.67 -5.76
C GLY A 39 -18.36 -25.99 -4.39
N GLY A 40 -18.81 -24.74 -4.35
CA GLY A 40 -18.97 -24.05 -3.06
C GLY A 40 -17.69 -23.39 -2.58
N ARG A 41 -16.70 -23.22 -3.46
CA ARG A 41 -15.46 -22.44 -3.25
C ARG A 41 -15.81 -21.03 -2.78
N HIS A 42 -15.15 -20.55 -1.74
CA HIS A 42 -15.30 -19.16 -1.27
C HIS A 42 -14.42 -18.29 -2.16
N VAL A 43 -15.00 -17.20 -2.67
CA VAL A 43 -14.27 -16.20 -3.48
C VAL A 43 -14.44 -14.80 -2.86
N ALA A 44 -13.77 -13.83 -3.47
CA ALA A 44 -13.86 -12.41 -3.14
C ALA A 44 -14.49 -11.69 -4.33
N VAL A 45 -15.42 -10.77 -4.06
CA VAL A 45 -16.10 -9.93 -5.12
C VAL A 45 -15.99 -8.48 -4.69
N LYS A 46 -15.32 -7.71 -5.52
CA LYS A 46 -15.20 -6.23 -5.45
C LYS A 46 -16.43 -5.68 -6.18
N ILE A 47 -17.32 -5.06 -5.43
CA ILE A 47 -18.52 -4.36 -5.97
C ILE A 47 -18.16 -2.89 -6.09
N VAL A 48 -18.11 -2.37 -7.31
CA VAL A 48 -17.67 -0.98 -7.56
C VAL A 48 -18.90 -0.08 -7.52
N LYS A 49 -18.78 1.09 -6.88
CA LYS A 49 -19.85 2.13 -6.87
C LYS A 49 -20.23 2.50 -8.32
N ASN A 50 -21.54 2.63 -8.60
CA ASN A 50 -22.08 3.02 -9.93
C ASN A 50 -21.85 4.52 -10.10
N VAL A 51 -20.57 4.89 -10.13
CA VAL A 51 -20.09 6.27 -10.40
C VAL A 51 -19.04 6.21 -11.52
N ASP A 52 -19.21 7.08 -12.51
CA ASP A 52 -18.30 7.34 -13.65
C ASP A 52 -16.85 6.97 -13.30
N ARG A 53 -16.26 7.70 -12.35
CA ARG A 53 -14.83 7.65 -11.98
C ARG A 53 -14.44 6.23 -11.55
N TYR A 54 -15.22 5.62 -10.64
CA TYR A 54 -14.89 4.30 -10.03
C TYR A 54 -15.19 3.23 -11.10
N CYS A 55 -16.18 3.43 -11.97
CA CYS A 55 -16.52 2.52 -13.10
C CYS A 55 -15.35 2.41 -14.08
N GLU A 56 -14.79 3.57 -14.47
CA GLU A 56 -13.66 3.70 -15.43
C GLU A 56 -12.40 3.14 -14.76
N ALA A 57 -12.25 3.27 -13.43
CA ALA A 57 -11.07 2.76 -12.70
C ALA A 57 -11.15 1.22 -12.74
N ALA A 58 -12.37 0.69 -12.65
CA ALA A 58 -12.65 -0.76 -12.59
C ALA A 58 -12.43 -1.40 -13.98
N ARG A 59 -12.79 -0.71 -15.08
CA ARG A 59 -12.49 -1.19 -16.46
C ARG A 59 -10.96 -1.18 -16.62
N SER A 60 -10.30 -0.16 -16.08
CA SER A 60 -8.83 -0.05 -16.16
C SER A 60 -8.20 -1.21 -15.37
N GLU A 61 -8.70 -1.48 -14.16
CA GLU A 61 -8.23 -2.58 -13.28
C GLU A 61 -8.38 -3.94 -13.98
N ILE A 62 -9.53 -4.20 -14.58
CA ILE A 62 -9.80 -5.49 -15.28
C ILE A 62 -8.73 -5.67 -16.36
N GLN A 63 -8.45 -4.64 -17.19
CA GLN A 63 -7.44 -4.68 -18.29
C GLN A 63 -6.07 -5.04 -17.69
N VAL A 64 -5.70 -4.49 -16.54
CA VAL A 64 -4.35 -4.68 -15.94
C VAL A 64 -4.24 -6.11 -15.46
N LEU A 65 -5.32 -6.61 -14.85
CA LEU A 65 -5.35 -7.96 -14.23
C LEU A 65 -5.25 -9.02 -15.36
N GLU A 66 -5.91 -8.77 -16.48
CA GLU A 66 -5.92 -9.73 -17.63
C GLU A 66 -4.46 -9.88 -18.06
N HIS A 67 -3.76 -8.76 -18.12
CA HIS A 67 -2.36 -8.66 -18.58
C HIS A 67 -1.43 -9.36 -17.57
N LEU A 68 -1.50 -8.99 -16.29
CA LEU A 68 -0.61 -9.52 -15.24
C LEU A 68 -0.84 -11.02 -15.04
N ASN A 69 -2.12 -11.43 -15.02
CA ASN A 69 -2.51 -12.84 -14.85
C ASN A 69 -2.07 -13.69 -16.06
N THR A 70 -2.16 -13.14 -17.27
CA THR A 70 -1.76 -13.83 -18.52
C THR A 70 -0.24 -13.98 -18.54
N THR A 71 0.49 -12.94 -18.11
CA THR A 71 1.96 -12.87 -18.16
C THR A 71 2.51 -13.81 -17.09
N ASP A 72 1.82 -13.87 -15.96
CA ASP A 72 2.28 -14.64 -14.79
C ASP A 72 1.16 -15.54 -14.29
N PRO A 73 0.76 -16.57 -15.06
CA PRO A 73 -0.34 -17.47 -14.66
C PRO A 73 -0.18 -18.22 -13.32
N ASN A 74 1.04 -18.46 -12.80
CA ASN A 74 1.25 -19.17 -11.49
C ASN A 74 1.20 -18.19 -10.32
N SER A 75 1.08 -16.87 -10.57
CA SER A 75 1.14 -15.83 -9.52
C SER A 75 2.45 -15.99 -8.73
N THR A 76 3.56 -16.23 -9.43
CA THR A 76 4.91 -16.25 -8.87
C THR A 76 5.26 -14.86 -8.32
N PHE A 77 4.83 -13.78 -8.97
CA PHE A 77 5.09 -12.41 -8.51
C PHE A 77 3.89 -11.88 -7.70
N ARG A 78 2.95 -12.73 -7.30
CA ARG A 78 2.09 -12.46 -6.13
C ARG A 78 1.07 -11.34 -6.40
N CYS A 79 0.67 -11.08 -7.66
CA CYS A 79 -0.52 -10.23 -7.92
C CYS A 79 -1.76 -11.11 -7.80
N VAL A 80 -2.81 -10.60 -7.15
CA VAL A 80 -4.10 -11.31 -6.98
C VAL A 80 -4.66 -11.77 -8.34
N GLN A 81 -5.25 -12.97 -8.41
CA GLN A 81 -5.84 -13.52 -9.65
C GLN A 81 -7.29 -13.09 -9.71
N MET A 82 -7.68 -12.54 -10.85
CA MET A 82 -9.08 -12.19 -11.16
C MET A 82 -9.73 -13.42 -11.79
N LEU A 83 -10.96 -13.78 -11.40
CA LEU A 83 -11.61 -15.01 -11.89
C LEU A 83 -12.51 -14.64 -13.06
N GLU A 84 -13.21 -13.50 -12.95
CA GLU A 84 -14.16 -12.98 -13.95
C GLU A 84 -14.75 -11.69 -13.41
N TRP A 85 -15.60 -11.06 -14.21
CA TRP A 85 -16.34 -9.84 -13.81
C TRP A 85 -17.72 -9.87 -14.45
N PHE A 86 -18.67 -9.24 -13.79
CA PHE A 86 -20.07 -9.12 -14.23
C PHE A 86 -20.57 -7.76 -13.73
N GLU A 87 -21.79 -7.45 -14.13
CA GLU A 87 -22.64 -6.28 -13.77
C GLU A 87 -23.84 -6.82 -12.98
N HIS A 88 -24.12 -6.14 -11.87
CA HIS A 88 -25.23 -6.50 -10.97
C HIS A 88 -25.90 -5.16 -10.67
N HIS A 89 -27.12 -4.95 -11.14
CA HIS A 89 -27.93 -3.71 -10.95
C HIS A 89 -27.06 -2.46 -11.17
N GLY A 90 -26.31 -2.45 -12.27
CA GLY A 90 -25.57 -1.29 -12.79
C GLY A 90 -24.16 -1.23 -12.22
N HIS A 91 -23.79 -2.08 -11.25
CA HIS A 91 -22.44 -2.05 -10.62
C HIS A 91 -21.50 -3.08 -11.26
N ILE A 92 -20.26 -2.71 -11.55
CA ILE A 92 -19.26 -3.70 -12.03
C ILE A 92 -18.84 -4.48 -10.79
N CYS A 93 -18.85 -5.80 -10.88
CA CYS A 93 -18.37 -6.68 -9.78
C CYS A 93 -17.20 -7.52 -10.32
N ILE A 94 -16.04 -7.47 -9.68
CA ILE A 94 -14.86 -8.26 -10.09
C ILE A 94 -14.68 -9.40 -9.10
N VAL A 95 -14.66 -10.61 -9.64
CA VAL A 95 -14.48 -11.82 -8.82
C VAL A 95 -12.99 -12.05 -8.70
N PHE A 96 -12.51 -12.32 -7.50
CA PHE A 96 -11.11 -12.72 -7.27
C PHE A 96 -11.01 -13.92 -6.35
N GLU A 97 -9.89 -14.62 -6.44
CA GLU A 97 -9.45 -15.60 -5.43
C GLU A 97 -9.58 -14.90 -4.07
N LEU A 98 -10.12 -15.61 -3.09
CA LEU A 98 -10.23 -15.15 -1.69
C LEU A 98 -8.83 -15.21 -1.07
N LEU A 99 -8.33 -14.09 -0.54
CA LEU A 99 -7.08 -14.05 0.27
C LEU A 99 -7.46 -13.90 1.75
N GLY A 100 -6.50 -13.75 2.68
CA GLY A 100 -6.83 -13.52 4.10
C GLY A 100 -6.90 -12.05 4.42
N LEU A 101 -6.39 -11.68 5.59
CA LEU A 101 -6.56 -10.29 6.06
C LEU A 101 -5.61 -9.32 5.35
N SER A 102 -6.00 -8.06 5.18
CA SER A 102 -5.02 -6.98 4.92
C SER A 102 -4.02 -6.84 6.09
N THR A 103 -2.76 -6.50 5.77
CA THR A 103 -1.72 -6.16 6.74
C THR A 103 -2.26 -5.01 7.63
N TYR A 104 -3.00 -4.05 7.06
CA TYR A 104 -3.63 -2.92 7.80
C TYR A 104 -4.56 -3.44 8.92
N ASP A 105 -5.56 -4.26 8.54
CA ASP A 105 -6.54 -4.86 9.47
C ASP A 105 -5.82 -5.66 10.55
N PHE A 106 -4.76 -6.40 10.21
CA PHE A 106 -4.03 -7.23 11.19
C PHE A 106 -3.36 -6.34 12.26
N ILE A 107 -2.72 -5.22 11.86
CA ILE A 107 -2.01 -4.27 12.78
C ILE A 107 -3.03 -3.52 13.66
N LYS A 108 -4.05 -2.94 13.03
CA LYS A 108 -5.18 -2.17 13.61
C LYS A 108 -5.84 -3.00 14.71
N GLU A 109 -6.29 -4.22 14.38
CA GLU A 109 -7.05 -5.08 15.33
C GLU A 109 -6.15 -5.65 16.43
N ASN A 110 -4.84 -5.74 16.26
CA ASN A 110 -3.92 -6.08 17.38
C ASN A 110 -3.53 -4.82 18.14
N GLY A 111 -4.14 -3.68 17.89
CA GLY A 111 -3.86 -2.51 18.74
C GLY A 111 -2.66 -1.73 18.24
N PHE A 112 -2.37 -1.82 16.93
CA PHE A 112 -1.28 -1.04 16.29
C PHE A 112 0.06 -1.58 16.82
N LEU A 113 0.13 -2.88 17.00
CA LEU A 113 1.37 -3.57 17.46
C LEU A 113 2.12 -4.01 16.22
N PRO A 114 3.45 -3.77 16.14
CA PRO A 114 4.20 -4.10 14.94
C PRO A 114 4.36 -5.58 14.60
N PHE A 115 4.68 -5.84 13.33
CA PHE A 115 5.09 -7.18 12.85
C PHE A 115 6.52 -7.43 13.35
N ARG A 116 6.87 -8.70 13.55
CA ARG A 116 8.23 -9.07 13.96
C ARG A 116 9.20 -8.77 12.78
N LEU A 117 10.49 -8.59 13.09
CA LEU A 117 11.50 -8.33 12.04
C LEU A 117 11.54 -9.49 11.02
N ASP A 118 11.56 -10.73 11.49
CA ASP A 118 11.59 -11.93 10.61
C ASP A 118 10.39 -11.90 9.67
N HIS A 119 9.20 -11.60 10.18
CA HIS A 119 8.02 -11.44 9.30
C HIS A 119 8.22 -10.29 8.29
N ILE A 120 8.75 -9.15 8.74
CA ILE A 120 8.86 -7.92 7.88
C ILE A 120 9.78 -8.23 6.68
N ARG A 121 10.88 -8.90 6.96
CA ARG A 121 11.91 -9.23 5.95
C ARG A 121 11.24 -9.99 4.80
N LYS A 122 10.56 -11.11 5.12
CA LYS A 122 9.82 -11.97 4.15
C LYS A 122 8.76 -11.13 3.41
N MET A 123 7.97 -10.34 4.14
CA MET A 123 6.91 -9.51 3.52
C MET A 123 7.52 -8.44 2.58
N ALA A 124 8.54 -7.70 3.01
CA ALA A 124 9.23 -6.68 2.20
C ALA A 124 9.75 -7.32 0.90
N TYR A 125 10.31 -8.50 1.03
CA TYR A 125 10.90 -9.17 -0.12
C TYR A 125 9.81 -9.45 -1.15
N GLN A 126 8.66 -9.98 -0.68
CA GLN A 126 7.53 -10.39 -1.57
C GLN A 126 6.88 -9.13 -2.20
N ILE A 127 6.70 -8.08 -1.40
CA ILE A 127 6.16 -6.77 -1.86
C ILE A 127 7.10 -6.23 -2.94
N CYS A 128 8.42 -6.22 -2.71
CA CYS A 128 9.40 -5.70 -3.71
C CYS A 128 9.36 -6.56 -4.99
N LYS A 129 9.27 -7.87 -4.84
CA LYS A 129 9.26 -8.83 -5.96
C LYS A 129 7.99 -8.60 -6.82
N SER A 130 6.86 -8.38 -6.17
CA SER A 130 5.55 -8.23 -6.83
C SER A 130 5.49 -6.86 -7.57
N VAL A 131 5.88 -5.79 -6.90
CA VAL A 131 5.86 -4.42 -7.47
C VAL A 131 6.97 -4.32 -8.53
N ASN A 132 8.08 -5.05 -8.38
CA ASN A 132 9.14 -5.02 -9.41
C ASN A 132 8.65 -5.62 -10.73
N PHE A 133 7.82 -6.65 -10.68
CA PHE A 133 7.16 -7.28 -11.85
C PHE A 133 6.19 -6.30 -12.51
N LEU A 134 5.41 -5.51 -11.74
CA LEU A 134 4.64 -4.40 -12.38
C LEU A 134 5.66 -3.48 -13.04
N HIS A 135 6.75 -3.14 -12.36
CA HIS A 135 7.80 -2.23 -12.89
C HIS A 135 8.35 -2.78 -14.22
N SER A 136 8.61 -4.10 -14.33
CA SER A 136 9.13 -4.75 -15.57
C SER A 136 8.12 -4.61 -16.72
N ASN A 137 6.83 -4.52 -16.40
CA ASN A 137 5.70 -4.61 -17.35
C ASN A 137 5.10 -3.23 -17.64
N LYS A 138 5.92 -2.18 -17.47
CA LYS A 138 5.65 -0.76 -17.80
C LYS A 138 4.49 -0.23 -16.98
N LEU A 139 4.37 -0.66 -15.73
CA LEU A 139 3.35 -0.15 -14.79
C LEU A 139 3.95 0.49 -13.54
N THR A 140 3.19 1.45 -12.99
CA THR A 140 3.32 1.97 -11.60
C THR A 140 2.00 1.69 -10.87
N HIS A 141 2.06 1.19 -9.64
CA HIS A 141 0.85 0.88 -8.86
C HIS A 141 0.17 2.19 -8.51
N THR A 142 0.94 3.04 -7.85
CA THR A 142 0.55 4.40 -7.39
C THR A 142 -0.19 4.30 -6.05
N ASP A 143 -0.76 3.16 -5.62
CA ASP A 143 -1.62 3.24 -4.41
C ASP A 143 -1.29 2.15 -3.41
N LEU A 144 0.00 1.95 -3.19
CA LEU A 144 0.51 0.90 -2.31
C LEU A 144 0.31 1.40 -0.89
N LYS A 145 -0.28 0.56 -0.07
CA LYS A 145 -0.55 0.95 1.32
C LYS A 145 -0.90 -0.37 2.01
N PRO A 146 -0.83 -0.44 3.34
CA PRO A 146 -1.09 -1.72 4.03
C PRO A 146 -2.44 -2.37 3.68
N GLU A 147 -3.43 -1.58 3.32
CA GLU A 147 -4.81 -2.05 3.03
C GLU A 147 -4.75 -2.89 1.75
N ASN A 148 -3.77 -2.60 0.89
CA ASN A 148 -3.60 -3.22 -0.45
C ASN A 148 -2.53 -4.32 -0.46
N ILE A 149 -1.99 -4.71 0.69
CA ILE A 149 -1.10 -5.91 0.87
C ILE A 149 -1.91 -6.87 1.73
N LEU A 150 -2.30 -8.01 1.20
CA LEU A 150 -3.13 -8.99 1.91
C LEU A 150 -2.26 -10.22 2.11
N PHE A 151 -2.35 -10.85 3.27
CA PHE A 151 -1.98 -12.25 3.51
C PHE A 151 -2.75 -13.18 2.53
N VAL A 152 -1.98 -13.96 1.79
CA VAL A 152 -2.44 -15.09 0.94
C VAL A 152 -3.44 -15.91 1.76
N GLN A 153 -3.02 -16.35 2.95
CA GLN A 153 -3.77 -17.33 3.76
C GLN A 153 -4.24 -16.66 5.04
N SER A 154 -5.19 -17.30 5.72
CA SER A 154 -5.45 -17.17 7.16
C SER A 154 -4.47 -18.03 7.95
N ASP A 155 -3.17 -17.93 7.65
CA ASP A 155 -2.12 -18.66 8.41
C ASP A 155 -1.77 -17.82 9.67
N TYR A 156 -2.71 -17.68 10.63
CA TYR A 156 -2.52 -17.05 11.98
C TYR A 156 -3.42 -17.75 13.01
N THR A 157 -3.10 -17.57 14.28
CA THR A 157 -3.98 -17.91 15.42
C THR A 157 -4.41 -16.64 16.16
N GLU A 158 -5.55 -16.78 16.83
CA GLU A 158 -6.42 -15.74 17.41
C GLU A 158 -6.87 -16.22 18.80
N ALA A 159 -6.64 -15.44 19.86
CA ALA A 159 -7.35 -15.72 21.13
C ALA A 159 -7.92 -14.42 21.72
N TYR A 160 -9.14 -14.50 22.26
CA TYR A 160 -9.72 -13.46 23.14
C TYR A 160 -8.76 -13.26 24.31
N ASN A 161 -8.41 -12.02 24.61
CA ASN A 161 -7.63 -11.72 25.84
C ASN A 161 -8.51 -10.81 26.69
N PRO A 162 -9.10 -11.28 27.84
CA PRO A 162 -9.97 -10.43 28.66
C PRO A 162 -9.28 -9.24 29.36
N LYS A 163 -7.95 -9.19 29.38
CA LYS A 163 -7.17 -8.13 30.07
C LYS A 163 -7.39 -6.82 29.32
N ILE A 164 -7.38 -6.92 27.98
CA ILE A 164 -7.42 -5.84 26.94
C ILE A 164 -8.65 -5.96 26.02
N LYS A 165 -9.55 -6.92 26.27
CA LYS A 165 -10.95 -6.93 25.74
C LYS A 165 -10.93 -6.86 24.20
N ARG A 166 -9.97 -7.53 23.58
CA ARG A 166 -9.97 -7.82 22.13
C ARG A 166 -9.36 -9.21 21.86
N ASP A 167 -9.48 -9.67 20.62
CA ASP A 167 -8.69 -10.78 20.07
C ASP A 167 -7.26 -10.31 19.82
N GLU A 168 -6.27 -11.13 20.17
CA GLU A 168 -4.88 -11.02 19.67
C GLU A 168 -4.66 -12.13 18.66
N ARG A 169 -4.03 -11.74 17.57
CA ARG A 169 -3.73 -12.53 16.38
C ARG A 169 -2.20 -12.70 16.33
N THR A 170 -1.73 -13.94 16.14
CA THR A 170 -0.30 -14.26 16.01
C THR A 170 -0.10 -14.87 14.60
N LEU A 171 0.71 -14.19 13.79
CA LEU A 171 1.07 -14.60 12.40
C LEU A 171 1.86 -15.93 12.51
N ILE A 172 1.56 -16.91 11.68
CA ILE A 172 2.36 -18.15 11.52
C ILE A 172 3.21 -17.99 10.25
N ASN A 173 2.53 -17.75 9.13
CA ASN A 173 3.22 -17.50 7.84
C ASN A 173 2.80 -16.13 7.32
N PRO A 174 3.79 -15.34 6.85
CA PRO A 174 3.58 -13.94 6.50
C PRO A 174 3.38 -13.69 4.99
N ASP A 175 3.13 -14.73 4.21
CA ASP A 175 3.06 -14.62 2.73
C ASP A 175 1.96 -13.63 2.33
N ILE A 176 2.25 -12.75 1.38
CA ILE A 176 1.30 -11.68 0.97
C ILE A 176 1.01 -11.75 -0.53
N LYS A 177 0.00 -10.99 -0.96
CA LYS A 177 -0.23 -10.65 -2.38
C LYS A 177 -0.60 -9.17 -2.42
N VAL A 178 -0.38 -8.56 -3.55
CA VAL A 178 -0.69 -7.15 -3.86
C VAL A 178 -2.03 -7.09 -4.55
N VAL A 179 -2.87 -6.16 -4.10
CA VAL A 179 -4.24 -5.97 -4.69
C VAL A 179 -4.40 -4.51 -5.12
N ASP A 180 -5.56 -4.28 -5.76
CA ASP A 180 -6.10 -2.99 -6.23
C ASP A 180 -5.24 -2.40 -7.37
N PHE A 181 -5.58 -2.71 -8.63
CA PHE A 181 -4.95 -2.16 -9.82
C PHE A 181 -5.85 -1.05 -10.42
N GLY A 182 -6.80 -0.52 -9.64
CA GLY A 182 -7.71 0.58 -10.03
C GLY A 182 -6.98 1.87 -10.37
N SER A 183 -5.74 2.04 -9.93
CA SER A 183 -4.94 3.28 -10.04
C SER A 183 -3.69 3.02 -10.90
N ALA A 184 -3.43 1.78 -11.28
CA ALA A 184 -2.14 1.39 -11.90
C ALA A 184 -2.09 2.05 -13.28
N THR A 185 -0.94 2.62 -13.60
CA THR A 185 -0.74 3.46 -14.80
C THR A 185 0.42 2.90 -15.62
N TYR A 186 0.20 2.67 -16.91
CA TYR A 186 1.23 2.29 -17.91
C TYR A 186 2.11 3.49 -18.21
N ASP A 187 3.33 3.24 -18.66
CA ASP A 187 4.32 4.34 -18.85
C ASP A 187 3.81 5.35 -19.88
N ASP A 188 3.01 4.92 -20.88
N ASP A 188 3.03 4.86 -20.87
CA ASP A 188 2.67 5.79 -22.03
CA ASP A 188 2.63 5.59 -22.10
C ASP A 188 1.28 6.42 -21.83
C ASP A 188 1.14 5.97 -22.03
N GLU A 189 0.54 5.98 -20.82
CA GLU A 189 -0.80 6.52 -20.51
C GLU A 189 -0.67 7.87 -19.81
N HIS A 190 -1.73 8.68 -19.84
CA HIS A 190 -1.79 9.99 -19.13
C HIS A 190 -1.58 9.73 -17.63
N HIS A 191 -0.71 10.52 -17.00
CA HIS A 191 -0.44 10.41 -15.54
C HIS A 191 -1.39 11.36 -14.79
N SER A 192 -2.22 10.84 -13.89
CA SER A 192 -2.93 11.66 -12.88
C SER A 192 -1.98 12.68 -12.20
N THR A 193 -2.48 13.91 -11.95
CA THR A 193 -1.86 15.03 -11.17
C THR A 193 -1.51 14.51 -9.76
N LEU A 194 -2.53 14.33 -8.90
CA LEU A 194 -2.37 13.68 -7.57
C LEU A 194 -2.54 12.14 -7.68
N VAL A 195 -1.64 11.38 -7.04
CA VAL A 195 -1.72 9.90 -6.89
C VAL A 195 -1.24 9.53 -5.48
N SER A 196 -1.68 8.36 -4.98
CA SER A 196 -1.31 7.76 -3.67
C SER A 196 -2.19 8.37 -2.55
N THR A 197 -2.29 7.62 -1.44
CA THR A 197 -2.94 8.01 -0.16
C THR A 197 -1.92 8.79 0.68
N ARG A 198 -2.33 9.96 1.16
CA ARG A 198 -1.50 11.03 1.78
C ARG A 198 -0.26 10.42 2.46
N HIS A 199 -0.45 9.44 3.34
CA HIS A 199 0.67 8.90 4.17
C HIS A 199 1.73 8.27 3.26
N TYR A 200 1.40 7.83 2.03
CA TYR A 200 2.37 7.01 1.23
C TYR A 200 2.78 7.78 -0.06
N ARG A 201 2.38 9.06 -0.21
CA ARG A 201 2.65 9.91 -1.41
C ARG A 201 4.12 10.38 -1.42
N ALA A 202 4.81 10.12 -2.51
CA ALA A 202 6.21 10.56 -2.72
C ALA A 202 6.28 12.10 -2.82
N PRO A 203 7.43 12.68 -2.44
CA PRO A 203 7.64 14.12 -2.50
C PRO A 203 7.50 14.65 -3.93
N GLU A 204 7.90 13.85 -4.94
CA GLU A 204 7.73 14.25 -6.36
C GLU A 204 6.24 14.31 -6.70
N VAL A 205 5.38 13.55 -6.01
CA VAL A 205 3.92 13.57 -6.28
C VAL A 205 3.40 14.84 -5.61
N ILE A 206 3.78 15.08 -4.37
CA ILE A 206 3.25 16.23 -3.59
C ILE A 206 3.59 17.50 -4.39
N LEU A 207 4.79 17.58 -4.96
CA LEU A 207 5.33 18.81 -5.63
C LEU A 207 5.02 18.84 -7.12
N ALA A 208 4.27 17.86 -7.66
CA ALA A 208 3.78 17.82 -9.06
C ALA A 208 4.97 18.00 -10.02
N LEU A 209 6.12 17.39 -9.72
CA LEU A 209 7.34 17.31 -10.58
C LEU A 209 7.26 16.15 -11.57
N GLY A 210 6.14 15.45 -11.63
CA GLY A 210 6.03 14.25 -12.51
C GLY A 210 6.44 13.01 -11.74
N TRP A 211 5.82 11.87 -12.06
CA TRP A 211 6.04 10.62 -11.31
C TRP A 211 6.09 9.41 -12.23
N SER A 212 6.58 8.33 -11.63
CA SER A 212 6.99 7.12 -12.35
C SER A 212 7.06 5.96 -11.36
N GLN A 213 7.64 4.85 -11.80
CA GLN A 213 7.92 3.68 -10.92
C GLN A 213 8.50 4.10 -9.56
N PRO A 214 9.49 5.02 -9.47
CA PRO A 214 10.00 5.47 -8.17
C PRO A 214 8.98 5.92 -7.12
N CYS A 215 7.83 6.50 -7.47
CA CYS A 215 6.83 6.83 -6.42
C CYS A 215 6.34 5.56 -5.69
N ASP A 216 6.27 4.39 -6.34
CA ASP A 216 5.90 3.12 -5.65
C ASP A 216 6.96 2.81 -4.59
N VAL A 217 8.24 2.92 -4.96
CA VAL A 217 9.37 2.62 -4.05
C VAL A 217 9.20 3.48 -2.79
N TRP A 218 8.80 4.73 -2.94
CA TRP A 218 8.66 5.60 -1.74
C TRP A 218 7.57 5.01 -0.83
N SER A 219 6.39 4.70 -1.39
CA SER A 219 5.23 4.09 -0.68
C SER A 219 5.65 2.80 0.07
N ILE A 220 6.40 1.92 -0.58
CA ILE A 220 6.93 0.68 0.09
C ILE A 220 7.81 1.05 1.30
N GLY A 221 8.69 2.04 1.17
CA GLY A 221 9.44 2.58 2.32
C GLY A 221 8.54 2.93 3.48
N CYS A 222 7.49 3.68 3.20
CA CYS A 222 6.54 4.11 4.24
C CYS A 222 5.82 2.90 4.89
N ILE A 223 5.44 1.92 4.06
CA ILE A 223 4.79 0.66 4.53
C ILE A 223 5.74 -0.06 5.51
N LEU A 224 7.01 -0.15 5.15
CA LEU A 224 7.99 -0.95 5.91
C LEU A 224 8.15 -0.36 7.30
N ILE A 225 8.26 0.97 7.39
CA ILE A 225 8.44 1.64 8.71
C ILE A 225 7.15 1.52 9.54
N GLU A 226 5.98 1.58 8.91
CA GLU A 226 4.66 1.29 9.57
C GLU A 226 4.57 -0.16 10.11
N TYR A 227 4.99 -1.16 9.36
CA TYR A 227 5.09 -2.59 9.78
C TYR A 227 6.02 -2.76 11.01
N TYR A 228 7.10 -2.00 11.04
CA TYR A 228 8.15 -2.08 12.06
C TYR A 228 7.70 -1.37 13.34
N LEU A 229 6.98 -0.27 13.23
CA LEU A 229 6.58 0.56 14.41
C LEU A 229 5.14 0.29 14.85
N GLY A 230 4.25 -0.05 13.93
CA GLY A 230 2.81 -0.25 14.20
C GLY A 230 1.95 0.98 13.84
N PHE A 231 2.58 2.08 13.39
CA PHE A 231 1.94 3.36 13.00
C PHE A 231 2.79 4.03 11.94
N THR A 232 2.31 5.04 11.19
CA THR A 232 3.16 5.77 10.19
C THR A 232 4.04 6.79 10.90
N VAL A 233 5.16 7.19 10.28
CA VAL A 233 5.92 8.35 10.82
C VAL A 233 5.39 9.65 10.21
N PHE A 234 4.39 9.59 9.31
CA PHE A 234 3.76 10.79 8.71
C PHE A 234 2.29 10.83 9.09
N PRO A 235 1.92 11.01 10.38
CA PRO A 235 0.51 11.03 10.78
C PRO A 235 -0.07 12.43 10.51
N THR A 236 -0.33 12.76 9.25
CA THR A 236 -0.89 14.09 8.90
C THR A 236 -1.81 13.98 7.70
N HIS A 237 -2.57 15.04 7.48
CA HIS A 237 -3.64 15.15 6.46
C HIS A 237 -3.17 16.18 5.43
N ASP A 238 -2.67 17.32 5.95
CA ASP A 238 -2.17 18.49 5.22
C ASP A 238 -0.82 18.23 4.50
N SER A 239 -0.72 18.72 3.28
CA SER A 239 0.48 18.60 2.41
C SER A 239 1.72 19.29 3.01
N LYS A 240 1.60 20.53 3.47
CA LYS A 240 2.75 21.29 4.03
C LYS A 240 3.27 20.58 5.28
N GLU A 241 2.40 20.31 6.26
CA GLU A 241 2.74 19.53 7.47
C GLU A 241 3.50 18.25 7.10
N HIS A 242 3.01 17.52 6.09
CA HIS A 242 3.65 16.31 5.54
C HIS A 242 5.08 16.65 5.12
N LEU A 243 5.26 17.77 4.42
CA LEU A 243 6.62 18.22 4.02
C LEU A 243 7.43 18.65 5.26
N ALA A 244 6.83 19.28 6.24
CA ALA A 244 7.53 19.60 7.49
C ALA A 244 8.04 18.30 8.10
N MET A 245 7.24 17.22 8.01
CA MET A 245 7.54 15.96 8.77
C MET A 245 8.70 15.25 8.09
N MET A 246 8.68 15.20 6.76
CA MET A 246 9.84 14.79 5.91
C MET A 246 11.13 15.54 6.30
N GLU A 247 11.14 16.88 6.38
CA GLU A 247 12.35 17.65 6.85
C GLU A 247 12.87 17.12 8.21
N ARG A 248 11.98 16.93 9.18
CA ARG A 248 12.32 16.49 10.56
C ARG A 248 12.89 15.07 10.53
N ILE A 249 12.24 14.20 9.77
CA ILE A 249 12.53 12.74 9.77
C ILE A 249 13.69 12.44 8.81
N LEU A 250 13.70 13.06 7.65
CA LEU A 250 14.63 12.61 6.57
C LEU A 250 15.71 13.64 6.32
N GLY A 251 15.56 14.90 6.74
CA GLY A 251 16.53 15.98 6.48
C GLY A 251 16.00 16.90 5.40
N PRO A 252 16.73 18.00 5.07
CA PRO A 252 16.20 19.01 4.15
C PRO A 252 15.84 18.45 2.76
N LEU A 253 14.81 19.03 2.15
CA LEU A 253 14.43 18.78 0.73
C LEU A 253 15.54 19.27 -0.20
N PRO A 254 15.80 18.55 -1.32
CA PRO A 254 16.71 19.04 -2.33
C PRO A 254 16.20 20.37 -2.88
N LYS A 255 17.09 21.34 -2.90
CA LYS A 255 16.78 22.70 -3.39
C LYS A 255 16.22 22.64 -4.81
N HIS A 256 16.69 21.71 -5.64
CA HIS A 256 16.30 21.68 -7.07
C HIS A 256 14.81 21.36 -7.19
N MET A 257 14.29 20.49 -6.33
CA MET A 257 12.86 20.06 -6.31
C MET A 257 12.01 21.22 -5.78
N ILE A 258 12.51 21.91 -4.74
CA ILE A 258 11.89 23.11 -4.09
C ILE A 258 11.80 24.24 -5.13
N GLN A 259 12.89 24.43 -5.90
CA GLN A 259 12.95 25.53 -6.87
C GLN A 259 12.20 25.13 -8.14
N LYS A 260 12.16 23.84 -8.52
CA LYS A 260 11.52 23.46 -9.82
C LYS A 260 10.00 23.48 -9.66
N THR A 261 9.48 23.27 -8.45
CA THR A 261 8.03 23.00 -8.27
C THR A 261 7.19 24.23 -8.66
N ARG A 262 6.03 24.00 -9.28
CA ARG A 262 4.97 25.02 -9.49
C ARG A 262 4.14 25.08 -8.19
N LYS A 263 4.29 24.07 -7.32
CA LYS A 263 3.60 24.04 -6.01
C LYS A 263 4.25 25.05 -5.06
N ARG A 264 4.21 26.36 -5.40
CA ARG A 264 5.09 27.36 -4.72
C ARG A 264 4.43 27.78 -3.39
N LYS A 265 3.09 27.67 -3.28
CA LYS A 265 2.29 27.90 -2.04
C LYS A 265 2.99 27.33 -0.80
N TYR A 266 3.61 26.16 -0.93
CA TYR A 266 4.19 25.42 0.22
C TYR A 266 5.48 26.11 0.68
N PHE A 267 6.06 26.95 -0.18
CA PHE A 267 7.42 27.53 0.03
C PHE A 267 7.38 29.06 0.10
N HIS A 268 8.54 29.60 0.44
CA HIS A 268 8.95 31.04 0.53
C HIS A 268 10.46 31.04 0.27
N HIS A 269 10.91 31.70 -0.81
CA HIS A 269 12.28 31.55 -1.37
C HIS A 269 12.68 30.07 -1.40
N ASP A 270 13.80 29.73 -0.74
N ASP A 270 13.81 29.72 -0.76
CA ASP A 270 14.59 28.46 -0.87
CA ASP A 270 14.54 28.44 -0.90
C ASP A 270 14.09 27.40 0.14
C ASP A 270 14.12 27.43 0.18
N ARG A 271 13.02 27.68 0.89
CA ARG A 271 12.72 26.95 2.15
C ARG A 271 11.21 26.74 2.30
N LEU A 272 10.83 25.65 3.00
CA LEU A 272 9.42 25.37 3.37
C LEU A 272 8.88 26.58 4.14
N ASP A 273 7.66 27.02 3.81
CA ASP A 273 6.97 28.17 4.46
C ASP A 273 6.24 27.64 5.71
N TRP A 274 6.98 27.43 6.79
CA TRP A 274 6.49 26.65 7.95
C TRP A 274 6.97 27.30 9.26
N ASP A 275 6.11 28.05 9.98
CA ASP A 275 6.42 28.59 11.33
C ASP A 275 6.64 27.40 12.29
N GLU A 276 7.89 26.96 12.43
CA GLU A 276 8.27 25.87 13.36
C GLU A 276 8.02 26.30 14.82
N HIS A 277 8.15 27.58 15.13
CA HIS A 277 8.02 28.13 16.51
C HIS A 277 6.53 28.31 16.89
N SER A 278 5.59 27.87 16.04
CA SER A 278 4.13 27.93 16.29
C SER A 278 3.64 26.65 16.97
N SER A 279 2.35 26.63 17.36
CA SER A 279 1.71 25.51 18.11
C SER A 279 1.70 24.22 17.26
N ALA A 280 1.30 24.33 16.00
CA ALA A 280 1.24 23.20 15.03
C ALA A 280 2.67 22.75 14.70
N GLY A 281 3.62 23.69 14.71
CA GLY A 281 5.04 23.46 14.44
C GLY A 281 5.72 22.68 15.55
N ARG A 282 5.51 23.09 16.79
CA ARG A 282 6.12 22.39 17.94
C ARG A 282 5.54 20.97 18.04
N TYR A 283 4.28 20.81 17.64
CA TYR A 283 3.53 19.52 17.62
C TYR A 283 4.24 18.56 16.68
N VAL A 284 4.45 18.96 15.42
CA VAL A 284 5.19 18.16 14.37
C VAL A 284 6.56 17.80 14.91
N SER A 285 7.26 18.79 15.47
CA SER A 285 8.59 18.56 16.07
C SER A 285 8.53 17.41 17.09
N ARG A 286 7.58 17.44 18.02
CA ARG A 286 7.43 16.40 19.07
C ARG A 286 7.21 15.04 18.40
N ALA A 287 6.32 14.98 17.41
CA ALA A 287 5.88 13.76 16.70
C ALA A 287 6.99 13.19 15.82
N CYS A 288 8.09 13.93 15.59
CA CYS A 288 9.09 13.61 14.52
C CYS A 288 10.51 13.72 15.06
N LYS A 289 11.37 12.81 14.60
CA LYS A 289 12.80 12.81 14.94
C LYS A 289 13.51 12.15 13.79
N PRO A 290 14.85 12.29 13.67
CA PRO A 290 15.56 11.67 12.56
C PRO A 290 15.19 10.19 12.50
N LEU A 291 14.98 9.71 11.28
CA LEU A 291 14.50 8.33 10.97
C LEU A 291 15.17 7.27 11.84
N LYS A 292 16.51 7.26 11.92
CA LYS A 292 17.24 6.11 12.52
C LYS A 292 16.98 6.09 14.03
N GLU A 293 16.42 7.14 14.62
CA GLU A 293 16.05 7.18 16.06
C GLU A 293 14.74 6.45 16.31
N PHE A 294 14.00 6.08 15.28
CA PHE A 294 12.81 5.19 15.43
C PHE A 294 13.25 3.73 15.68
N MET A 295 14.51 3.38 15.43
CA MET A 295 15.00 1.97 15.57
C MET A 295 14.72 1.52 17.01
N LEU A 296 14.17 0.33 17.20
CA LEU A 296 13.84 -0.19 18.54
C LEU A 296 15.03 -0.97 19.12
N SER A 297 16.02 -1.28 18.28
CA SER A 297 17.26 -2.04 18.59
C SER A 297 18.42 -1.53 17.74
N GLN A 298 19.64 -1.66 18.26
CA GLN A 298 20.90 -1.32 17.55
C GLN A 298 21.47 -2.59 16.87
N ASP A 299 20.81 -3.74 17.00
CA ASP A 299 21.25 -5.01 16.34
C ASP A 299 21.38 -4.76 14.84
N VAL A 300 22.36 -5.38 14.21
CA VAL A 300 22.70 -5.18 12.79
C VAL A 300 21.51 -5.46 11.85
N GLU A 301 20.61 -6.43 12.15
CA GLU A 301 19.50 -6.70 11.19
C GLU A 301 18.53 -5.51 11.21
N HIS A 302 18.44 -4.76 12.32
CA HIS A 302 17.67 -3.51 12.41
C HIS A 302 18.40 -2.42 11.61
N GLU A 303 19.73 -2.33 11.72
CA GLU A 303 20.54 -1.44 10.83
C GLU A 303 20.27 -1.81 9.37
N ARG A 304 20.19 -3.10 9.04
CA ARG A 304 19.98 -3.48 7.60
C ARG A 304 18.66 -2.91 7.09
N LEU A 305 17.56 -3.17 7.80
CA LEU A 305 16.22 -2.72 7.38
C LEU A 305 16.23 -1.18 7.20
N PHE A 306 16.77 -0.44 8.15
CA PHE A 306 16.70 1.05 8.17
C PHE A 306 17.56 1.65 7.06
N ASP A 307 18.64 0.98 6.66
CA ASP A 307 19.44 1.37 5.49
C ASP A 307 18.59 1.24 4.22
N LEU A 308 17.84 0.16 4.07
CA LEU A 308 16.96 0.01 2.88
C LEU A 308 15.84 1.05 2.96
N ILE A 309 15.20 1.16 4.14
CA ILE A 309 14.12 2.17 4.34
C ILE A 309 14.71 3.52 3.93
N GLN A 310 15.93 3.84 4.38
CA GLN A 310 16.47 5.18 4.07
C GLN A 310 16.66 5.36 2.54
N LYS A 311 17.03 4.29 1.82
CA LYS A 311 17.30 4.39 0.35
C LYS A 311 15.99 4.48 -0.43
N MET A 312 14.93 3.82 0.07
CA MET A 312 13.59 3.86 -0.49
C MET A 312 13.03 5.26 -0.29
N LEU A 313 13.35 5.94 0.83
CA LEU A 313 12.88 7.33 1.03
C LEU A 313 13.94 8.38 0.62
N GLU A 314 14.75 8.11 -0.39
CA GLU A 314 15.55 9.15 -1.09
C GLU A 314 14.56 10.16 -1.72
N TYR A 315 14.77 11.45 -1.50
CA TYR A 315 13.86 12.51 -1.98
C TYR A 315 13.83 12.59 -3.52
N ASP A 316 14.99 12.42 -4.14
CA ASP A 316 15.17 12.57 -5.60
C ASP A 316 14.83 11.24 -6.28
N PRO A 317 13.72 11.16 -7.04
CA PRO A 317 13.28 9.90 -7.67
C PRO A 317 14.27 9.39 -8.73
N ALA A 318 15.10 10.27 -9.26
CA ALA A 318 16.13 9.85 -10.24
C ALA A 318 17.23 9.10 -9.47
N LYS A 319 17.37 9.32 -8.16
CA LYS A 319 18.44 8.74 -7.30
C LYS A 319 17.92 7.52 -6.51
N ARG A 320 16.67 7.56 -6.08
CA ARG A 320 16.01 6.52 -5.25
C ARG A 320 16.39 5.13 -5.73
N ILE A 321 16.64 4.24 -4.80
CA ILE A 321 16.90 2.82 -5.13
C ILE A 321 15.75 2.26 -5.99
N THR A 322 16.07 1.45 -6.96
CA THR A 322 15.08 0.60 -7.66
C THR A 322 14.75 -0.68 -6.89
N LEU A 323 13.59 -1.23 -7.16
CA LEU A 323 13.20 -2.51 -6.60
C LEU A 323 14.16 -3.59 -7.08
N ARG A 324 14.64 -3.52 -8.33
CA ARG A 324 15.68 -4.45 -8.82
C ARG A 324 16.84 -4.47 -7.82
N GLU A 325 17.28 -3.30 -7.35
CA GLU A 325 18.48 -3.19 -6.47
C GLU A 325 18.04 -3.50 -5.03
N ALA A 326 16.87 -3.03 -4.62
CA ALA A 326 16.35 -3.31 -3.25
C ALA A 326 16.31 -4.83 -3.04
N LEU A 327 15.96 -5.57 -4.07
CA LEU A 327 15.83 -7.06 -3.96
C LEU A 327 17.19 -7.66 -3.60
N LYS A 328 18.28 -6.92 -3.87
CA LYS A 328 19.66 -7.38 -3.75
C LYS A 328 20.24 -6.82 -2.45
N HIS A 329 19.50 -6.00 -1.70
CA HIS A 329 20.04 -5.31 -0.48
C HIS A 329 20.42 -6.32 0.62
N PRO A 330 21.41 -6.00 1.48
CA PRO A 330 21.85 -6.86 2.59
C PRO A 330 20.79 -7.36 3.59
N PHE A 331 19.72 -6.59 3.76
CA PHE A 331 18.56 -6.96 4.60
C PHE A 331 18.00 -8.33 4.18
N PHE A 332 18.15 -8.74 2.91
CA PHE A 332 17.46 -9.93 2.34
C PHE A 332 18.40 -11.14 2.32
N ASP A 333 19.67 -10.95 2.67
CA ASP A 333 20.70 -12.02 2.56
C ASP A 333 20.27 -13.17 3.47
N LEU A 334 19.61 -12.89 4.58
CA LEU A 334 19.11 -13.89 5.55
C LEU A 334 18.17 -14.87 4.83
N LEU A 335 17.40 -14.44 3.83
CA LEU A 335 16.48 -15.32 3.05
C LEU A 335 17.24 -16.20 2.04
N LYS A 336 18.47 -15.83 1.66
CA LYS A 336 19.19 -16.51 0.56
C LYS A 336 20.37 -17.32 1.12
N LYS A 337 20.47 -17.56 2.41
CA LYS A 337 21.46 -18.51 3.00
C LYS A 337 21.10 -19.93 2.56
N SER A 338 22.12 -20.79 2.40
CA SER A 338 22.10 -22.10 1.70
C SER A 338 23.36 -22.94 1.98
C1 EDO B . 7.54 -9.26 -19.24
O1 EDO B . 7.50 -7.85 -19.18
C2 EDO B . 7.19 -9.90 -17.92
O2 EDO B . 8.08 -9.59 -16.86
CAJ IYZ C . -8.94 -3.42 2.14
CAK IYZ C . -8.59 -4.07 3.44
CAV IYZ C . -8.64 -4.89 2.17
CAL IYZ C . -9.85 -5.75 1.82
NAO IYZ C . -9.81 -7.10 2.39
CAS IYZ C . -9.89 -8.26 1.63
CAF IYZ C . -9.89 -9.53 2.28
CAG IYZ C . -9.86 -10.67 1.54
NAN IYZ C . -9.86 -8.07 0.34
NAW IYZ C . -9.78 -9.30 -0.39
CAU IYZ C . -9.79 -10.58 0.15
NAM IYZ C . -9.59 -11.50 -0.79
CAH IYZ C . -9.45 -10.79 -1.96
CAT IYZ C . -9.56 -9.43 -1.77
CAR IYZ C . -9.41 -8.36 -2.79
CAI IYZ C . -9.34 -6.99 -2.48
CAE IYZ C . -9.23 -8.76 -4.11
CAC IYZ C . -8.99 -7.84 -5.10
CAD IYZ C . -8.95 -6.49 -4.80
CAQ IYZ C . -9.12 -6.06 -3.50
CAP IYZ C . -9.12 -4.58 -3.30
CAA IYZ C . -9.26 -4.00 -1.91
OAB IYZ C . -9.07 -3.85 -4.25
#